data_4NNU
#
_entry.id   4NNU
#
_cell.length_a   109.800
_cell.length_b   114.380
_cell.length_c   144.590
_cell.angle_alpha   90.00
_cell.angle_beta   90.00
_cell.angle_gamma   90.00
#
_symmetry.space_group_name_H-M   'I 2 2 2'
#
loop_
_entity.id
_entity.type
_entity.pdbx_description
1 polymer 'Transcription factor A, mitochondrial'
2 polymer DNA1
3 polymer DNA2
4 water water
#
loop_
_entity_poly.entity_id
_entity_poly.type
_entity_poly.pdbx_seq_one_letter_code
_entity_poly.pdbx_strand_id
1 'polypeptide(L)'
;MGSSHHHHHHSSGLVPRGSHMASMTGGQQMGRGSMSSVLASCPKKPVSSYLRFSKEQLPIFKAQNPDAKTTELIRRIAQR
WRELPDSKKKIYQDAYRAEWQVYKEEISRFKEQLTPSQIMSLEKEIMDKHLKRKAMTKKKELTLLGKPKRPRSAYNVYVA
ERFQEAKGDSPQEKLKTVKENWKNLSDSEKELYIQHAKEDETRYHNEMKSWEEQMIEVGRKDLLRRTIKK
;
A,B
2 'polydeoxyribonucleotide'
;(DT)(DA)(DA)(DG)(DT)(DT)(DG)(DG)(DT)(DT)(DA)(DT)(DC)(DG)(DG)(DG)(DA)(DC)(DC)(DG)
(DG)(DC)
;
C,E
3 'polydeoxyribonucleotide'
;(DG)(DC)(DC)(DG)(DG)(DT)(DC)(DC)(DC)(DG)(DA)(DT)(DA)(DA)(DC)(DC)(DA)(DA)(DC)(DT)
(DT)(DA)
;
D,F
#
loop_
_chem_comp.id
_chem_comp.type
_chem_comp.name
_chem_comp.formula
DA DNA linking 2'-DEOXYADENOSINE-5'-MONOPHOSPHATE 'C10 H14 N5 O6 P'
DC DNA linking 2'-DEOXYCYTIDINE-5'-MONOPHOSPHATE 'C9 H14 N3 O7 P'
DG DNA linking 2'-DEOXYGUANOSINE-5'-MONOPHOSPHATE 'C10 H14 N5 O7 P'
DT DNA linking THYMIDINE-5'-MONOPHOSPHATE 'C10 H15 N2 O8 P'
#
# COMPACT_ATOMS: atom_id res chain seq x y z
N SER A 37 -22.36 12.10 9.16
CA SER A 37 -21.08 11.91 9.81
C SER A 37 -20.01 12.89 9.36
N VAL A 38 -18.79 12.39 9.22
CA VAL A 38 -17.63 13.20 8.87
C VAL A 38 -17.38 13.33 7.35
N LEU A 39 -16.82 12.29 6.73
CA LEU A 39 -16.45 12.31 5.31
C LEU A 39 -17.67 12.66 4.45
N ALA A 40 -18.86 12.32 4.97
CA ALA A 40 -20.10 12.54 4.25
C ALA A 40 -20.28 14.03 3.98
N SER A 41 -20.14 14.81 5.05
CA SER A 41 -20.40 16.25 4.99
C SER A 41 -19.29 17.05 4.29
N CYS A 42 -18.11 16.45 4.13
CA CYS A 42 -16.94 17.13 3.56
C CYS A 42 -17.15 17.52 2.10
N PRO A 43 -16.79 18.76 1.76
CA PRO A 43 -16.81 19.25 0.37
C PRO A 43 -15.99 18.40 -0.60
N LYS A 44 -16.52 18.22 -1.81
CA LYS A 44 -15.89 17.38 -2.83
C LYS A 44 -15.19 18.26 -3.86
N LYS A 45 -14.05 17.79 -4.34
CA LYS A 45 -13.26 18.52 -5.31
C LYS A 45 -13.96 18.60 -6.67
N PRO A 46 -13.85 19.75 -7.36
CA PRO A 46 -14.48 19.89 -8.67
C PRO A 46 -13.87 18.95 -9.70
N VAL A 47 -14.70 18.47 -10.62
CA VAL A 47 -14.26 17.60 -11.70
C VAL A 47 -13.61 18.41 -12.81
N SER A 48 -12.86 17.74 -13.68
CA SER A 48 -12.08 18.43 -14.71
C SER A 48 -12.92 19.07 -15.81
N SER A 49 -12.25 19.90 -16.60
CA SER A 49 -12.88 20.60 -17.72
C SER A 49 -13.44 19.59 -18.71
N TYR A 50 -12.68 18.54 -18.99
CA TYR A 50 -13.18 17.53 -19.92
C TYR A 50 -14.39 16.84 -19.31
N LEU A 51 -14.34 16.52 -18.01
CA LEU A 51 -15.47 15.84 -17.38
C LEU A 51 -16.74 16.66 -17.42
N ARG A 52 -16.61 17.97 -17.27
CA ARG A 52 -17.77 18.85 -17.32
C ARG A 52 -18.31 18.79 -18.73
N PHE A 53 -17.40 18.74 -19.69
CA PHE A 53 -17.81 18.68 -21.08
C PHE A 53 -18.55 17.38 -21.36
N SER A 54 -18.05 16.26 -20.87
CA SER A 54 -18.67 14.98 -21.18
C SER A 54 -20.02 14.90 -20.46
N LYS A 55 -20.11 15.49 -19.27
CA LYS A 55 -21.31 15.35 -18.47
C LYS A 55 -22.46 16.04 -19.19
N GLU A 56 -22.16 17.15 -19.83
CA GLU A 56 -23.16 17.89 -20.60
C GLU A 56 -23.41 17.28 -21.97
N GLN A 57 -22.35 16.78 -22.59
CA GLN A 57 -22.47 16.25 -23.94
C GLN A 57 -23.15 14.91 -24.00
N LEU A 58 -22.98 14.12 -22.94
CA LEU A 58 -23.50 12.75 -22.92
C LEU A 58 -25.03 12.63 -23.11
N PRO A 59 -25.84 13.43 -22.36
CA PRO A 59 -27.30 13.33 -22.59
C PRO A 59 -27.69 13.76 -24.01
N ILE A 60 -26.91 14.63 -24.64
CA ILE A 60 -27.19 15.03 -26.01
C ILE A 60 -26.96 13.89 -27.00
N PHE A 61 -25.80 13.25 -26.92
CA PHE A 61 -25.48 12.11 -27.79
C PHE A 61 -26.43 10.93 -27.58
N LYS A 62 -26.85 10.73 -26.33
CA LYS A 62 -27.70 9.59 -25.99
C LYS A 62 -29.11 9.80 -26.54
N ALA A 63 -29.44 11.05 -26.88
CA ALA A 63 -30.77 11.35 -27.42
C ALA A 63 -30.76 11.39 -28.95
N GLN A 64 -29.57 11.34 -29.53
CA GLN A 64 -29.42 11.40 -30.98
C GLN A 64 -29.05 10.01 -31.48
N ASN A 65 -28.39 9.24 -30.61
CA ASN A 65 -27.98 7.89 -30.95
C ASN A 65 -28.47 7.00 -29.80
N PRO A 66 -29.78 6.77 -29.75
CA PRO A 66 -30.49 6.15 -28.62
C PRO A 66 -30.13 4.70 -28.35
N ASP A 67 -29.78 3.95 -29.39
CA ASP A 67 -29.51 2.53 -29.21
C ASP A 67 -28.02 2.20 -29.16
N ALA A 68 -27.19 3.22 -29.21
CA ALA A 68 -25.76 2.99 -29.16
C ALA A 68 -25.35 2.74 -27.71
N LYS A 69 -24.33 1.91 -27.52
CA LYS A 69 -23.80 1.66 -26.18
C LYS A 69 -23.24 2.94 -25.59
N THR A 70 -23.32 3.07 -24.26
CA THR A 70 -22.81 4.25 -23.57
C THR A 70 -21.30 4.40 -23.73
N THR A 71 -20.59 3.28 -23.74
CA THR A 71 -19.14 3.31 -23.89
C THR A 71 -18.77 3.82 -25.26
N GLU A 72 -19.62 3.54 -26.25
CA GLU A 72 -19.36 4.06 -27.59
C GLU A 72 -19.51 5.57 -27.55
N LEU A 73 -20.59 6.05 -26.92
CA LEU A 73 -20.86 7.49 -26.84
C LEU A 73 -19.73 8.28 -26.17
N ILE A 74 -19.19 7.76 -25.08
CA ILE A 74 -18.08 8.38 -24.38
C ILE A 74 -16.85 8.48 -25.28
N ARG A 75 -16.62 7.44 -26.07
CA ARG A 75 -15.50 7.42 -27.00
C ARG A 75 -15.68 8.48 -28.09
N ARG A 76 -16.92 8.73 -28.49
CA ARG A 76 -17.25 9.74 -29.50
C ARG A 76 -17.13 11.15 -28.96
N ILE A 77 -17.55 11.35 -27.71
CA ILE A 77 -17.43 12.64 -27.04
C ILE A 77 -15.98 13.06 -26.83
N ALA A 78 -15.17 12.13 -26.32
CA ALA A 78 -13.75 12.39 -26.10
C ALA A 78 -13.05 12.81 -27.39
N GLN A 79 -13.47 12.22 -28.50
CA GLN A 79 -12.94 12.58 -29.81
C GLN A 79 -13.28 14.03 -30.11
N ARG A 80 -14.54 14.36 -29.83
CA ARG A 80 -15.11 15.65 -30.08
C ARG A 80 -14.40 16.72 -29.25
N TRP A 81 -13.94 16.29 -28.07
CA TRP A 81 -13.23 17.16 -27.15
C TRP A 81 -11.87 17.54 -27.75
N ARG A 82 -11.22 16.57 -28.38
CA ARG A 82 -9.93 16.80 -29.02
C ARG A 82 -10.05 17.78 -30.19
N GLU A 83 -11.07 17.57 -31.02
CA GLU A 83 -11.30 18.40 -32.19
C GLU A 83 -11.56 19.85 -31.81
N LEU A 84 -12.16 20.01 -30.64
CA LEU A 84 -12.51 21.32 -30.11
C LEU A 84 -11.25 22.19 -30.01
N PRO A 85 -11.32 23.43 -30.51
CA PRO A 85 -10.26 24.45 -30.53
C PRO A 85 -9.76 24.79 -29.13
N ASP A 86 -8.63 25.48 -29.02
CA ASP A 86 -8.09 25.82 -27.70
C ASP A 86 -8.76 27.03 -27.05
N SER A 87 -9.38 27.89 -27.85
CA SER A 87 -10.11 29.02 -27.29
C SER A 87 -11.37 28.55 -26.58
N LYS A 88 -11.91 27.41 -26.99
CA LYS A 88 -13.10 26.86 -26.36
C LYS A 88 -12.76 26.01 -25.14
N LYS A 89 -11.64 25.28 -25.17
CA LYS A 89 -11.25 24.50 -24.01
C LYS A 89 -10.90 25.41 -22.85
N LYS A 90 -10.39 26.60 -23.18
CA LYS A 90 -9.96 27.52 -22.14
C LYS A 90 -11.17 27.96 -21.31
N ILE A 91 -12.32 28.13 -21.97
CA ILE A 91 -13.55 28.53 -21.27
C ILE A 91 -13.86 27.49 -20.19
N TYR A 92 -13.76 26.22 -20.57
CA TYR A 92 -13.98 25.14 -19.63
C TYR A 92 -12.89 25.17 -18.57
N GLN A 93 -11.67 25.47 -18.98
CA GLN A 93 -10.58 25.51 -18.02
C GLN A 93 -10.74 26.65 -17.02
N ASP A 94 -11.12 27.83 -17.50
CA ASP A 94 -11.34 28.98 -16.62
C ASP A 94 -12.43 28.72 -15.59
N ALA A 95 -13.47 28.00 -16.02
CA ALA A 95 -14.50 27.57 -15.10
C ALA A 95 -13.94 26.64 -14.03
N TYR A 96 -13.14 25.64 -14.44
CA TYR A 96 -12.56 24.71 -13.48
C TYR A 96 -11.67 25.41 -12.46
N ARG A 97 -10.81 26.32 -12.92
CA ARG A 97 -9.86 26.95 -12.00
C ARG A 97 -10.61 27.74 -10.92
N ALA A 98 -11.72 28.35 -11.32
CA ALA A 98 -12.53 29.14 -10.40
C ALA A 98 -13.28 28.29 -9.38
N GLU A 99 -13.69 27.09 -9.78
CA GLU A 99 -14.34 26.18 -8.86
C GLU A 99 -13.29 25.67 -7.87
N TRP A 100 -12.05 25.52 -8.33
CA TRP A 100 -10.99 25.04 -7.45
C TRP A 100 -10.75 26.07 -6.35
N GLN A 101 -10.79 27.36 -6.70
CA GLN A 101 -10.63 28.43 -5.73
C GLN A 101 -11.76 28.37 -4.70
N VAL A 102 -12.95 28.01 -5.16
CA VAL A 102 -14.07 27.84 -4.25
C VAL A 102 -13.78 26.67 -3.30
N TYR A 103 -13.25 25.57 -3.85
CA TYR A 103 -12.99 24.38 -3.03
C TYR A 103 -11.93 24.63 -1.96
N LYS A 104 -10.91 25.42 -2.30
CA LYS A 104 -9.86 25.77 -1.35
C LYS A 104 -10.43 26.54 -0.14
N GLU A 105 -11.33 27.48 -0.44
CA GLU A 105 -12.03 28.20 0.63
C GLU A 105 -12.88 27.25 1.45
N GLU A 106 -13.67 26.43 0.75
CA GLU A 106 -14.59 25.51 1.41
C GLU A 106 -13.89 24.50 2.30
N ILE A 107 -12.81 23.89 1.82
CA ILE A 107 -12.12 22.88 2.61
C ILE A 107 -11.44 23.48 3.83
N SER A 108 -11.02 24.73 3.75
CA SER A 108 -10.45 25.43 4.89
C SER A 108 -11.49 25.66 6.00
N ARG A 109 -12.63 26.25 5.66
CA ARG A 109 -13.68 26.50 6.64
C ARG A 109 -14.08 25.17 7.30
N PHE A 110 -14.11 24.09 6.52
CA PHE A 110 -14.56 22.79 7.02
C PHE A 110 -13.54 22.24 8.00
N LYS A 111 -12.26 22.31 7.63
CA LYS A 111 -11.22 21.76 8.51
C LYS A 111 -11.00 22.60 9.77
N GLU A 112 -11.23 23.91 9.66
CA GLU A 112 -11.09 24.81 10.81
C GLU A 112 -12.00 24.45 11.97
N GLN A 113 -13.18 23.93 11.64
CA GLN A 113 -14.15 23.60 12.67
C GLN A 113 -14.14 22.12 13.06
N LEU A 114 -13.03 21.45 12.71
CA LEU A 114 -12.77 20.07 13.11
C LEU A 114 -11.57 20.05 14.06
N THR A 115 -11.56 19.09 14.99
CA THR A 115 -10.43 18.91 15.90
C THR A 115 -9.35 18.10 15.19
N PRO A 116 -8.08 18.19 15.65
CA PRO A 116 -6.96 17.46 15.04
C PRO A 116 -7.14 15.95 14.87
N SER A 117 -7.70 15.25 15.85
CA SER A 117 -7.89 13.81 15.73
C SER A 117 -9.02 13.49 14.77
N GLN A 118 -9.92 14.45 14.57
CA GLN A 118 -11.01 14.29 13.60
C GLN A 118 -10.52 14.43 12.18
N ILE A 119 -9.54 15.29 11.97
CA ILE A 119 -8.92 15.45 10.65
C ILE A 119 -8.15 14.17 10.32
N MET A 120 -7.43 13.62 11.30
CA MET A 120 -6.76 12.33 11.09
C MET A 120 -7.79 11.26 10.81
N SER A 121 -8.93 11.33 11.50
CA SER A 121 -10.01 10.40 11.24
C SER A 121 -10.48 10.53 9.79
N LEU A 122 -10.52 11.77 9.30
CA LEU A 122 -10.97 12.04 7.93
C LEU A 122 -10.00 11.44 6.92
N GLU A 123 -8.71 11.67 7.13
CA GLU A 123 -7.66 11.12 6.28
C GLU A 123 -7.72 9.60 6.26
N LYS A 124 -7.99 8.99 7.42
CA LYS A 124 -8.04 7.54 7.51
C LYS A 124 -9.14 6.92 6.64
N GLU A 125 -10.32 7.54 6.65
CA GLU A 125 -11.44 7.07 5.83
C GLU A 125 -11.13 7.15 4.34
N ILE A 126 -10.44 8.23 3.95
CA ILE A 126 -10.01 8.43 2.58
C ILE A 126 -8.97 7.39 2.15
N MET A 127 -8.00 7.14 3.03
CA MET A 127 -6.96 6.15 2.77
C MET A 127 -7.56 4.76 2.63
N ASP A 128 -8.57 4.47 3.44
CA ASP A 128 -9.23 3.18 3.40
C ASP A 128 -9.84 2.97 2.02
N LYS A 129 -10.42 4.04 1.46
CA LYS A 129 -11.08 3.98 0.16
C LYS A 129 -10.04 3.70 -0.92
N HIS A 130 -8.84 4.26 -0.79
CA HIS A 130 -7.77 3.96 -1.73
C HIS A 130 -7.31 2.51 -1.61
N LEU A 131 -7.00 2.11 -0.39
CA LEU A 131 -6.51 0.78 -0.09
C LEU A 131 -7.51 -0.29 -0.49
N LYS A 132 -8.79 -0.01 -0.30
CA LYS A 132 -9.80 -0.99 -0.67
C LYS A 132 -9.85 -1.16 -2.19
N ARG A 133 -9.64 -0.08 -2.95
CA ARG A 133 -9.58 -0.19 -4.41
C ARG A 133 -8.35 -0.95 -4.87
N LYS A 134 -7.18 -0.64 -4.31
CA LYS A 134 -5.95 -1.34 -4.68
C LYS A 134 -6.09 -2.82 -4.40
N ALA A 135 -6.76 -3.15 -3.30
CA ALA A 135 -6.96 -4.53 -2.88
C ALA A 135 -7.86 -5.26 -3.85
N MET A 136 -8.86 -4.56 -4.36
CA MET A 136 -9.78 -5.13 -5.33
C MET A 136 -9.06 -5.45 -6.64
N THR A 137 -8.30 -4.47 -7.11
CA THR A 137 -7.51 -4.57 -8.33
C THR A 137 -6.57 -5.77 -8.32
N LYS A 138 -5.87 -5.95 -7.20
CA LYS A 138 -4.92 -7.05 -7.03
C LYS A 138 -5.63 -8.39 -7.11
N LYS A 139 -6.75 -8.52 -6.41
CA LYS A 139 -7.51 -9.76 -6.37
C LYS A 139 -8.08 -10.09 -7.74
N LYS A 140 -8.36 -9.04 -8.51
CA LYS A 140 -8.94 -9.21 -9.84
C LYS A 140 -7.88 -9.76 -10.79
N GLU A 141 -6.64 -9.32 -10.59
CA GLU A 141 -5.54 -9.69 -11.47
C GLU A 141 -5.06 -11.10 -11.14
N LEU A 142 -5.14 -11.49 -9.86
CA LEU A 142 -4.74 -12.84 -9.48
C LEU A 142 -5.68 -13.93 -9.94
N THR A 143 -6.95 -13.61 -10.12
CA THR A 143 -7.88 -14.58 -10.66
C THR A 143 -7.69 -14.66 -12.16
N LEU A 144 -7.27 -13.54 -12.74
CA LEU A 144 -7.04 -13.47 -14.17
C LEU A 144 -5.80 -14.31 -14.53
N LEU A 145 -4.85 -14.39 -13.61
CA LEU A 145 -3.66 -15.21 -13.83
C LEU A 145 -3.92 -16.63 -13.31
N GLY A 146 -5.16 -16.86 -12.87
CA GLY A 146 -5.59 -18.18 -12.42
C GLY A 146 -4.81 -18.74 -11.26
N LYS A 147 -4.57 -17.92 -10.24
CA LYS A 147 -3.88 -18.36 -9.03
C LYS A 147 -4.77 -19.37 -8.31
N PRO A 148 -4.21 -20.53 -7.97
CA PRO A 148 -4.86 -21.63 -7.22
C PRO A 148 -5.54 -21.15 -5.96
N LYS A 149 -6.65 -21.81 -5.60
CA LYS A 149 -7.34 -21.55 -4.34
C LYS A 149 -6.51 -22.04 -3.15
N ARG A 150 -6.69 -21.37 -2.02
CA ARG A 150 -6.05 -21.77 -0.78
C ARG A 150 -6.61 -23.11 -0.30
N PRO A 151 -5.82 -23.87 0.48
CA PRO A 151 -6.30 -25.17 0.96
C PRO A 151 -7.47 -25.04 1.93
N ARG A 152 -8.49 -25.87 1.73
CA ARG A 152 -9.66 -25.89 2.62
C ARG A 152 -9.38 -26.65 3.90
N SER A 153 -9.91 -26.14 4.99
CA SER A 153 -9.81 -26.80 6.26
C SER A 153 -10.84 -27.91 6.33
N ALA A 154 -10.69 -28.78 7.31
CA ALA A 154 -11.63 -29.87 7.52
C ALA A 154 -13.01 -29.29 7.68
N TYR A 155 -13.07 -28.20 8.44
CA TYR A 155 -14.30 -27.48 8.66
C TYR A 155 -14.85 -26.84 7.38
N ASN A 156 -13.98 -26.43 6.46
CA ASN A 156 -14.45 -25.93 5.17
C ASN A 156 -15.14 -27.05 4.42
N VAL A 157 -14.57 -28.25 4.52
CA VAL A 157 -15.13 -29.43 3.86
C VAL A 157 -16.44 -29.78 4.53
N TYR A 158 -16.45 -29.74 5.87
CA TYR A 158 -17.62 -30.11 6.63
C TYR A 158 -18.82 -29.24 6.26
N VAL A 159 -18.60 -27.94 6.13
CA VAL A 159 -19.66 -27.00 5.77
C VAL A 159 -20.15 -27.41 4.40
N ALA A 160 -19.20 -27.67 3.50
CA ALA A 160 -19.47 -28.00 2.11
C ALA A 160 -20.36 -29.24 1.97
N GLU A 161 -20.15 -30.24 2.84
CA GLU A 161 -20.97 -31.45 2.81
C GLU A 161 -22.36 -31.14 3.37
N ARG A 162 -22.39 -30.67 4.61
CA ARG A 162 -23.63 -30.33 5.29
C ARG A 162 -24.04 -28.88 5.17
N PHE A 163 -24.81 -28.55 4.13
CA PHE A 163 -25.36 -27.21 4.02
C PHE A 163 -26.74 -27.20 3.37
N GLN A 164 -26.91 -27.90 2.25
CA GLN A 164 -28.22 -28.06 1.63
C GLN A 164 -29.20 -28.63 2.64
N GLU A 165 -28.65 -29.52 3.46
CA GLU A 165 -29.31 -30.23 4.54
C GLU A 165 -28.99 -29.57 5.88
N ALA A 166 -29.68 -28.50 6.23
CA ALA A 166 -29.40 -27.84 7.51
C ALA A 166 -30.61 -27.18 8.15
N LYS A 167 -30.73 -27.33 9.48
CA LYS A 167 -31.85 -26.77 10.20
C LYS A 167 -31.77 -25.26 10.09
N GLY A 168 -32.45 -24.72 9.07
CA GLY A 168 -32.48 -23.29 8.85
C GLY A 168 -33.10 -22.97 7.51
N ASP A 169 -33.60 -21.74 7.38
CA ASP A 169 -34.21 -21.31 6.12
C ASP A 169 -33.25 -20.39 5.38
N SER A 170 -32.80 -19.36 6.09
CA SER A 170 -31.79 -18.42 5.61
C SER A 170 -30.40 -19.02 5.74
N PRO A 171 -29.51 -18.75 4.75
CA PRO A 171 -28.15 -19.30 4.77
C PRO A 171 -27.42 -18.91 6.06
N GLN A 172 -27.73 -17.71 6.58
CA GLN A 172 -27.14 -17.27 7.84
C GLN A 172 -27.52 -18.20 8.99
N GLU A 173 -28.76 -18.68 8.98
CA GLU A 173 -29.21 -19.57 10.05
C GLU A 173 -28.64 -20.95 9.78
N LYS A 174 -28.61 -21.36 8.50
CA LYS A 174 -28.09 -22.67 8.12
C LYS A 174 -26.65 -22.84 8.55
N LEU A 175 -25.84 -21.81 8.32
CA LEU A 175 -24.44 -21.86 8.69
C LEU A 175 -24.35 -21.88 10.19
N LYS A 176 -25.21 -21.09 10.83
CA LYS A 176 -25.17 -20.98 12.27
C LYS A 176 -25.42 -22.34 12.91
N THR A 177 -26.28 -23.15 12.27
CA THR A 177 -26.57 -24.47 12.83
C THR A 177 -25.52 -25.52 12.42
N VAL A 178 -24.84 -25.28 11.29
CA VAL A 178 -23.78 -26.19 10.86
C VAL A 178 -22.63 -26.10 11.85
N LYS A 179 -22.34 -24.89 12.31
CA LYS A 179 -21.22 -24.67 13.23
C LYS A 179 -21.59 -25.22 14.60
N GLU A 180 -22.88 -25.34 14.88
CA GLU A 180 -23.34 -25.96 16.13
C GLU A 180 -22.91 -27.42 16.18
N ASN A 181 -23.27 -28.15 15.13
CA ASN A 181 -22.95 -29.57 14.98
C ASN A 181 -21.45 -29.88 14.98
N TRP A 182 -20.67 -28.97 14.43
CA TRP A 182 -19.22 -29.11 14.33
C TRP A 182 -18.55 -29.07 15.71
N LYS A 183 -19.16 -28.34 16.62
CA LYS A 183 -18.66 -28.21 17.99
C LYS A 183 -18.91 -29.48 18.77
N ASN A 184 -19.91 -30.24 18.35
CA ASN A 184 -20.29 -31.46 19.06
C ASN A 184 -19.67 -32.73 18.51
N LEU A 185 -18.85 -32.59 17.47
CA LEU A 185 -18.19 -33.76 16.92
C LEU A 185 -16.95 -34.15 17.71
N SER A 186 -16.82 -35.44 17.94
CA SER A 186 -15.64 -35.96 18.60
C SER A 186 -14.55 -35.94 17.54
N ASP A 187 -13.32 -36.20 17.93
CA ASP A 187 -12.23 -36.22 16.97
C ASP A 187 -12.38 -37.35 15.95
N SER A 188 -12.96 -38.47 16.38
CA SER A 188 -13.18 -39.66 15.56
C SER A 188 -14.22 -39.47 14.44
N GLU A 189 -15.22 -38.64 14.70
CA GLU A 189 -16.26 -38.34 13.72
C GLU A 189 -15.72 -37.34 12.69
N LYS A 190 -14.70 -36.60 13.12
CA LYS A 190 -14.03 -35.60 12.30
C LYS A 190 -13.12 -36.26 11.24
N GLU A 191 -12.80 -37.54 11.44
CA GLU A 191 -11.84 -38.28 10.61
C GLU A 191 -11.96 -38.11 9.10
N LEU A 192 -13.19 -38.11 8.59
CA LEU A 192 -13.39 -37.97 7.15
C LEU A 192 -12.89 -36.63 6.61
N TYR A 193 -13.17 -35.54 7.33
CA TYR A 193 -12.80 -34.20 6.87
C TYR A 193 -11.35 -33.85 7.08
N ILE A 194 -10.77 -34.39 8.16
CA ILE A 194 -9.37 -34.18 8.47
C ILE A 194 -8.60 -34.81 7.34
N GLN A 195 -9.09 -35.95 6.87
CA GLN A 195 -8.43 -36.66 5.81
C GLN A 195 -8.74 -36.06 4.44
N HIS A 196 -9.85 -35.34 4.36
CA HIS A 196 -10.17 -34.63 3.13
C HIS A 196 -9.35 -33.35 3.07
N ALA A 197 -8.92 -32.84 4.22
CA ALA A 197 -8.15 -31.61 4.27
C ALA A 197 -6.66 -31.88 4.06
N LYS A 198 -6.19 -33.03 4.55
CA LYS A 198 -4.81 -33.42 4.32
C LYS A 198 -4.51 -33.62 2.83
N GLU A 199 -5.52 -34.06 2.09
CA GLU A 199 -5.42 -34.29 0.64
C GLU A 199 -5.40 -32.97 -0.12
N ASP A 200 -6.33 -32.09 0.21
CA ASP A 200 -6.44 -30.81 -0.45
C ASP A 200 -5.19 -29.98 -0.16
N GLU A 201 -4.61 -30.20 1.01
CA GLU A 201 -3.37 -29.55 1.40
C GLU A 201 -2.28 -29.90 0.39
N THR A 202 -2.28 -31.15 -0.04
CA THR A 202 -1.34 -31.66 -1.03
C THR A 202 -1.64 -31.08 -2.42
N ARG A 203 -2.93 -31.00 -2.76
CA ARG A 203 -3.32 -30.43 -4.05
C ARG A 203 -2.83 -29.00 -4.18
N TYR A 204 -2.83 -28.28 -3.07
CA TYR A 204 -2.41 -26.89 -3.05
C TYR A 204 -0.93 -26.75 -3.40
N HIS A 205 -0.10 -27.58 -2.78
CA HIS A 205 1.33 -27.58 -3.08
C HIS A 205 1.62 -27.75 -4.56
N ASN A 206 0.89 -28.70 -5.15
CA ASN A 206 1.10 -29.07 -6.54
C ASN A 206 0.70 -27.93 -7.45
N GLU A 207 -0.52 -27.44 -7.29
CA GLU A 207 -1.02 -26.39 -8.17
C GLU A 207 -0.18 -25.14 -7.99
N MET A 208 0.29 -24.90 -6.76
CA MET A 208 1.16 -23.76 -6.51
C MET A 208 2.55 -23.89 -7.17
N LYS A 209 3.17 -25.05 -7.03
CA LYS A 209 4.48 -25.28 -7.65
C LYS A 209 4.37 -25.04 -9.14
N SER A 210 3.26 -25.52 -9.71
CA SER A 210 2.98 -25.34 -11.13
C SER A 210 2.72 -23.88 -11.47
N TRP A 211 1.83 -23.24 -10.73
CA TRP A 211 1.46 -21.86 -11.00
C TRP A 211 2.64 -20.90 -10.88
N GLU A 212 3.49 -21.14 -9.88
CA GLU A 212 4.64 -20.28 -9.66
C GLU A 212 5.70 -20.43 -10.76
N GLU A 213 5.93 -21.65 -11.24
CA GLU A 213 6.79 -21.81 -12.42
C GLU A 213 6.22 -20.99 -13.57
N GLN A 214 4.91 -21.10 -13.81
CA GLN A 214 4.30 -20.35 -14.90
C GLN A 214 4.38 -18.84 -14.73
N MET A 215 4.43 -18.37 -13.48
CA MET A 215 4.51 -16.93 -13.27
C MET A 215 5.90 -16.42 -13.62
N ILE A 216 6.90 -17.28 -13.41
CA ILE A 216 8.26 -16.98 -13.82
C ILE A 216 8.35 -16.95 -15.34
N GLU A 217 7.56 -17.80 -16.00
CA GLU A 217 7.57 -17.87 -17.45
C GLU A 217 7.06 -16.59 -18.11
N VAL A 218 6.00 -16.02 -17.54
CA VAL A 218 5.47 -14.76 -18.07
C VAL A 218 6.05 -13.53 -17.37
N GLY A 219 7.16 -13.72 -16.66
CA GLY A 219 7.92 -12.61 -16.07
C GLY A 219 7.27 -11.92 -14.90
N ARG A 220 6.74 -12.69 -13.94
CA ARG A 220 6.12 -12.11 -12.76
C ARG A 220 6.59 -12.73 -11.45
N LYS A 221 7.88 -12.63 -11.18
CA LYS A 221 8.45 -13.21 -9.97
C LYS A 221 7.98 -12.50 -8.69
N ASP A 222 7.32 -11.36 -8.85
CA ASP A 222 6.86 -10.59 -7.69
C ASP A 222 5.68 -11.27 -6.99
N LEU A 223 5.01 -12.15 -7.74
CA LEU A 223 3.83 -12.84 -7.23
C LEU A 223 4.18 -14.14 -6.51
N LEU A 224 5.45 -14.50 -6.48
CA LEU A 224 5.89 -15.73 -5.83
C LEU A 224 5.93 -15.49 -4.32
N ARG A 225 5.77 -16.55 -3.55
CA ARG A 225 5.88 -16.48 -2.11
C ARG A 225 7.33 -16.37 -1.68
N ARG A 226 7.55 -15.80 -0.50
CA ARG A 226 8.88 -15.80 0.08
C ARG A 226 9.07 -17.06 0.93
N THR A 227 8.01 -17.46 1.64
CA THR A 227 8.05 -18.63 2.52
C THR A 227 7.06 -19.72 2.09
N ILE A 228 7.39 -20.98 2.39
CA ILE A 228 6.53 -22.12 2.03
C ILE A 228 6.43 -23.10 3.20
N LYS A 229 5.22 -23.58 3.51
CA LYS A 229 5.04 -24.52 4.62
C LYS A 229 5.28 -25.97 4.20
N SER B 37 1.39 12.66 22.91
CA SER B 37 0.34 12.64 21.89
C SER B 37 -0.40 11.30 21.96
N VAL B 38 -0.77 10.73 20.83
CA VAL B 38 -1.57 9.48 20.86
C VAL B 38 -0.81 8.13 20.88
N LEU B 39 -0.27 7.69 19.74
CA LEU B 39 0.38 6.39 19.59
C LEU B 39 1.54 6.19 20.59
N ALA B 40 2.15 7.30 21.01
CA ALA B 40 3.29 7.26 21.91
C ALA B 40 2.95 6.61 23.25
N SER B 41 1.87 7.07 23.88
CA SER B 41 1.49 6.61 25.21
C SER B 41 0.90 5.20 25.16
N CYS B 42 0.51 4.79 23.97
CA CYS B 42 -0.15 3.50 23.75
C CYS B 42 0.79 2.36 24.12
N PRO B 43 0.26 1.37 24.85
CA PRO B 43 0.96 0.14 25.22
C PRO B 43 1.52 -0.67 24.05
N LYS B 44 2.70 -1.24 24.25
CA LYS B 44 3.40 -1.98 23.20
C LYS B 44 3.25 -3.49 23.43
N LYS B 45 3.09 -4.24 22.36
CA LYS B 45 2.94 -5.69 22.47
C LYS B 45 4.25 -6.32 22.96
N PRO B 46 4.16 -7.33 23.82
CA PRO B 46 5.35 -8.01 24.31
C PRO B 46 6.08 -8.72 23.18
N VAL B 47 7.40 -8.77 23.28
CA VAL B 47 8.18 -9.46 22.28
C VAL B 47 8.15 -10.96 22.52
N SER B 48 8.52 -11.73 21.50
CA SER B 48 8.43 -13.18 21.53
C SER B 48 9.44 -13.80 22.48
N SER B 49 9.25 -15.10 22.76
CA SER B 49 10.13 -15.85 23.65
C SER B 49 11.57 -15.85 23.17
N TYR B 50 11.78 -16.04 21.87
CA TYR B 50 13.14 -16.02 21.31
C TYR B 50 13.75 -14.65 21.47
N LEU B 51 12.94 -13.64 21.22
CA LEU B 51 13.37 -12.26 21.28
C LEU B 51 13.83 -11.92 22.70
N ARG B 52 13.14 -12.47 23.69
CA ARG B 52 13.53 -12.24 25.08
C ARG B 52 14.87 -12.90 25.38
N PHE B 53 15.04 -14.07 24.79
CA PHE B 53 16.27 -14.84 24.98
C PHE B 53 17.43 -14.08 24.39
N SER B 54 17.25 -13.53 23.19
CA SER B 54 18.36 -12.86 22.51
C SER B 54 18.72 -11.57 23.25
N LYS B 55 17.72 -10.91 23.83
CA LYS B 55 17.92 -9.62 24.47
C LYS B 55 18.84 -9.77 25.66
N GLU B 56 18.68 -10.89 26.36
CA GLU B 56 19.50 -11.24 27.52
C GLU B 56 20.85 -11.84 27.13
N GLN B 57 20.86 -12.63 26.06
CA GLN B 57 22.09 -13.33 25.66
C GLN B 57 23.12 -12.41 25.01
N LEU B 58 22.63 -11.39 24.30
CA LEU B 58 23.51 -10.51 23.53
C LEU B 58 24.57 -9.79 24.37
N PRO B 59 24.19 -9.15 25.50
CA PRO B 59 25.20 -8.48 26.33
C PRO B 59 26.22 -9.45 26.94
N ILE B 60 25.83 -10.70 27.15
CA ILE B 60 26.75 -11.71 27.66
C ILE B 60 27.81 -12.04 26.61
N PHE B 61 27.33 -12.34 25.40
CA PHE B 61 28.18 -12.65 24.25
C PHE B 61 29.10 -11.50 23.83
N LYS B 62 28.62 -10.27 23.96
CA LYS B 62 29.36 -9.09 23.54
C LYS B 62 30.52 -8.88 24.49
N ALA B 63 30.44 -9.53 25.65
CA ALA B 63 31.46 -9.47 26.69
C ALA B 63 32.41 -10.68 26.62
N GLN B 64 32.09 -11.66 25.76
CA GLN B 64 32.91 -12.86 25.62
C GLN B 64 33.68 -12.72 24.33
N ASN B 65 33.05 -12.00 23.41
CA ASN B 65 33.60 -11.73 22.09
C ASN B 65 33.54 -10.24 21.82
N PRO B 66 34.43 -9.47 22.44
CA PRO B 66 34.35 -8.00 22.46
C PRO B 66 34.55 -7.37 21.08
N ASP B 67 35.32 -8.01 20.21
CA ASP B 67 35.62 -7.42 18.90
C ASP B 67 34.80 -8.01 17.74
N ALA B 68 33.86 -8.89 18.05
CA ALA B 68 33.02 -9.50 17.02
C ALA B 68 31.90 -8.58 16.55
N LYS B 69 31.53 -8.71 15.28
CA LYS B 69 30.43 -7.94 14.72
C LYS B 69 29.14 -8.29 15.46
N THR B 70 28.23 -7.33 15.57
CA THR B 70 26.96 -7.56 16.24
C THR B 70 26.16 -8.60 15.47
N THR B 71 26.27 -8.57 14.14
CA THR B 71 25.55 -9.52 13.30
C THR B 71 25.99 -10.98 13.46
N GLU B 72 27.26 -11.23 13.75
CA GLU B 72 27.72 -12.60 14.00
C GLU B 72 27.12 -13.13 15.30
N LEU B 73 27.15 -12.28 16.32
CA LEU B 73 26.65 -12.64 17.64
C LEU B 73 25.20 -13.11 17.61
N ILE B 74 24.35 -12.41 16.88
CA ILE B 74 22.95 -12.80 16.73
C ILE B 74 22.79 -14.17 16.06
N ARG B 75 23.62 -14.42 15.05
CA ARG B 75 23.60 -15.69 14.34
C ARG B 75 24.03 -16.82 15.29
N ARG B 76 24.95 -16.50 16.19
CA ARG B 76 25.42 -17.46 17.18
C ARG B 76 24.39 -17.68 18.28
N ILE B 77 23.74 -16.61 18.72
CA ILE B 77 22.70 -16.71 19.74
C ILE B 77 21.54 -17.53 19.21
N ALA B 78 21.06 -17.21 18.01
CA ALA B 78 19.96 -17.94 17.39
C ALA B 78 20.29 -19.42 17.26
N GLN B 79 21.56 -19.72 16.97
CA GLN B 79 22.03 -21.10 16.88
C GLN B 79 21.84 -21.72 18.28
N ARG B 80 22.19 -20.98 19.33
CA ARG B 80 22.07 -21.51 20.70
C ARG B 80 20.62 -21.81 21.08
N TRP B 81 19.71 -21.00 20.53
CA TRP B 81 18.28 -21.14 20.82
C TRP B 81 17.67 -22.42 20.24
N ARG B 82 18.09 -22.79 19.03
CA ARG B 82 17.59 -24.00 18.38
C ARG B 82 17.99 -25.23 19.20
N GLU B 83 19.25 -25.26 19.62
CA GLU B 83 19.81 -26.35 20.40
C GLU B 83 19.12 -26.54 21.75
N LEU B 84 18.61 -25.45 22.31
CA LEU B 84 17.96 -25.44 23.61
C LEU B 84 16.80 -26.43 23.68
N PRO B 85 16.76 -27.22 24.76
CA PRO B 85 15.69 -28.22 24.91
C PRO B 85 14.33 -27.53 24.88
N ASP B 86 13.25 -28.29 24.70
CA ASP B 86 11.94 -27.66 24.64
C ASP B 86 11.38 -27.35 26.02
N SER B 87 11.88 -28.03 27.04
CA SER B 87 11.49 -27.76 28.41
C SER B 87 12.04 -26.41 28.85
N LYS B 88 13.13 -25.98 28.23
CA LYS B 88 13.72 -24.68 28.55
C LYS B 88 13.04 -23.57 27.75
N LYS B 89 12.65 -23.91 26.52
CA LYS B 89 11.93 -22.95 25.69
C LYS B 89 10.55 -22.65 26.28
N LYS B 90 9.98 -23.64 26.97
CA LYS B 90 8.64 -23.52 27.53
C LYS B 90 8.58 -22.44 28.60
N ILE B 91 9.66 -22.33 29.38
CA ILE B 91 9.75 -21.32 30.43
C ILE B 91 9.59 -19.93 29.82
N TYR B 92 10.30 -19.72 28.71
CA TYR B 92 10.23 -18.47 27.97
C TYR B 92 8.88 -18.23 27.34
N GLN B 93 8.27 -19.30 26.86
CA GLN B 93 6.97 -19.20 26.22
C GLN B 93 5.91 -18.83 27.24
N ASP B 94 5.98 -19.49 28.39
CA ASP B 94 5.07 -19.24 29.49
C ASP B 94 5.14 -17.80 30.00
N ALA B 95 6.35 -17.25 30.02
CA ALA B 95 6.54 -15.85 30.35
C ALA B 95 5.87 -14.98 29.31
N TYR B 96 6.07 -15.31 28.04
CA TYR B 96 5.47 -14.54 26.97
C TYR B 96 3.94 -14.56 27.02
N ARG B 97 3.36 -15.74 27.25
CA ARG B 97 1.91 -15.85 27.23
C ARG B 97 1.26 -15.03 28.36
N ALA B 98 1.92 -14.98 29.51
CA ALA B 98 1.41 -14.23 30.66
C ALA B 98 1.51 -12.72 30.37
N GLU B 99 2.54 -12.35 29.62
CA GLU B 99 2.72 -10.97 29.19
C GLU B 99 1.65 -10.61 28.18
N TRP B 100 1.26 -11.59 27.36
CA TRP B 100 0.25 -11.34 26.36
C TRP B 100 -1.07 -11.05 27.03
N GLN B 101 -1.34 -11.78 28.11
CA GLN B 101 -2.55 -11.57 28.89
C GLN B 101 -2.60 -10.16 29.46
N VAL B 102 -1.43 -9.68 29.87
CA VAL B 102 -1.27 -8.33 30.38
C VAL B 102 -1.56 -7.29 29.31
N TYR B 103 -1.06 -7.53 28.10
CA TYR B 103 -1.22 -6.58 27.01
C TYR B 103 -2.69 -6.44 26.66
N LYS B 104 -3.45 -7.52 26.71
CA LYS B 104 -4.89 -7.45 26.41
C LYS B 104 -5.63 -6.55 27.40
N GLU B 105 -5.30 -6.67 28.69
CA GLU B 105 -5.86 -5.80 29.72
C GLU B 105 -5.40 -4.36 29.46
N GLU B 106 -4.10 -4.19 29.22
CA GLU B 106 -3.54 -2.85 29.02
C GLU B 106 -4.16 -2.11 27.83
N ILE B 107 -4.29 -2.78 26.69
CA ILE B 107 -4.83 -2.13 25.50
C ILE B 107 -6.32 -1.81 25.62
N SER B 108 -7.05 -2.61 26.40
CA SER B 108 -8.45 -2.34 26.69
C SER B 108 -8.64 -1.06 27.49
N ARG B 109 -7.95 -0.94 28.62
CA ARG B 109 -8.03 0.27 29.42
C ARG B 109 -7.69 1.47 28.58
N PHE B 110 -6.73 1.30 27.69
CA PHE B 110 -6.25 2.41 26.90
C PHE B 110 -7.29 2.91 25.89
N LYS B 111 -7.90 1.98 25.16
CA LYS B 111 -8.88 2.34 24.14
C LYS B 111 -10.19 2.82 24.78
N GLU B 112 -10.48 2.29 25.96
CA GLU B 112 -11.68 2.65 26.72
C GLU B 112 -11.74 4.16 27.05
N GLN B 113 -10.56 4.75 27.27
CA GLN B 113 -10.45 6.16 27.63
C GLN B 113 -10.12 7.03 26.42
N LEU B 114 -10.34 6.50 25.23
CA LEU B 114 -10.14 7.28 24.03
C LEU B 114 -11.43 7.58 23.34
N THR B 115 -11.47 8.73 22.67
CA THR B 115 -12.63 9.09 21.92
C THR B 115 -12.57 8.35 20.58
N PRO B 116 -13.73 8.16 19.92
CA PRO B 116 -13.83 7.48 18.63
C PRO B 116 -12.87 8.04 17.58
N SER B 117 -12.73 9.36 17.51
CA SER B 117 -11.83 9.94 16.51
C SER B 117 -10.38 9.69 16.91
N GLN B 118 -10.14 9.50 18.21
CA GLN B 118 -8.80 9.17 18.67
C GLN B 118 -8.51 7.70 18.36
N ILE B 119 -9.53 6.86 18.41
CA ILE B 119 -9.34 5.46 18.04
C ILE B 119 -9.06 5.31 16.54
N MET B 120 -9.79 6.03 15.69
CA MET B 120 -9.44 6.00 14.27
C MET B 120 -8.07 6.59 14.01
N SER B 121 -7.73 7.66 14.72
CA SER B 121 -6.41 8.27 14.62
C SER B 121 -5.32 7.27 14.99
N LEU B 122 -5.59 6.44 16.00
CA LEU B 122 -4.60 5.46 16.43
C LEU B 122 -4.38 4.46 15.31
N GLU B 123 -5.46 3.95 14.73
CA GLU B 123 -5.32 3.02 13.61
C GLU B 123 -4.62 3.63 12.41
N LYS B 124 -4.93 4.88 12.10
CA LYS B 124 -4.34 5.53 10.93
C LYS B 124 -2.83 5.66 11.07
N GLU B 125 -2.36 6.05 12.25
CA GLU B 125 -0.93 6.18 12.52
C GLU B 125 -0.23 4.83 12.41
N ILE B 126 -0.90 3.78 12.85
CA ILE B 126 -0.36 2.43 12.76
C ILE B 126 -0.24 2.10 11.28
N MET B 127 -1.29 2.43 10.53
CA MET B 127 -1.33 2.22 9.09
C MET B 127 -0.23 3.03 8.39
N ASP B 128 0.01 4.26 8.84
CA ASP B 128 1.05 5.11 8.25
C ASP B 128 2.42 4.46 8.40
N LYS B 129 2.65 3.86 9.56
CA LYS B 129 3.93 3.22 9.86
C LYS B 129 4.24 2.03 8.96
N HIS B 130 3.21 1.25 8.63
CA HIS B 130 3.39 0.13 7.70
C HIS B 130 3.70 0.65 6.30
N LEU B 131 2.88 1.56 5.81
CA LEU B 131 3.05 2.12 4.47
C LEU B 131 4.41 2.80 4.34
N LYS B 132 4.88 3.43 5.41
CA LYS B 132 6.19 4.09 5.35
C LYS B 132 7.30 3.05 5.21
N ARG B 133 7.13 1.90 5.85
CA ARG B 133 8.10 0.80 5.72
C ARG B 133 8.07 0.19 4.33
N LYS B 134 6.87 -0.03 3.82
CA LYS B 134 6.69 -0.61 2.49
C LYS B 134 7.38 0.31 1.49
N ALA B 135 7.27 1.61 1.74
CA ALA B 135 7.86 2.62 0.86
C ALA B 135 9.39 2.61 0.90
N MET B 136 9.97 2.40 2.08
CA MET B 136 11.42 2.32 2.21
C MET B 136 11.95 1.10 1.48
N THR B 137 11.32 -0.04 1.72
CA THR B 137 11.68 -1.30 1.09
C THR B 137 11.70 -1.17 -0.43
N LYS B 138 10.67 -0.56 -1.00
CA LYS B 138 10.57 -0.40 -2.44
C LYS B 138 11.72 0.47 -2.97
N LYS B 139 11.95 1.60 -2.32
CA LYS B 139 12.99 2.54 -2.73
C LYS B 139 14.37 1.89 -2.55
N LYS B 140 14.46 0.99 -1.57
CA LYS B 140 15.72 0.32 -1.24
C LYS B 140 16.06 -0.69 -2.34
N GLU B 141 15.04 -1.34 -2.87
CA GLU B 141 15.19 -2.38 -3.89
C GLU B 141 15.40 -1.76 -5.27
N LEU B 142 14.80 -0.60 -5.50
CA LEU B 142 14.95 0.12 -6.76
C LEU B 142 16.35 0.69 -6.91
N THR B 143 17.02 1.00 -5.79
CA THR B 143 18.39 1.46 -5.90
C THR B 143 19.28 0.24 -6.13
N LEU B 144 18.87 -0.92 -5.62
CA LEU B 144 19.65 -2.15 -5.80
C LEU B 144 19.57 -2.65 -7.24
N LEU B 145 18.45 -2.41 -7.90
CA LEU B 145 18.27 -2.78 -9.31
C LEU B 145 18.73 -1.67 -10.23
N GLY B 146 19.30 -0.64 -9.62
CA GLY B 146 19.89 0.48 -10.35
C GLY B 146 18.95 1.25 -11.24
N LYS B 147 17.77 1.59 -10.73
CA LYS B 147 16.81 2.38 -11.48
C LYS B 147 17.39 3.78 -11.68
N PRO B 148 17.40 4.26 -12.95
CA PRO B 148 17.86 5.58 -13.38
C PRO B 148 17.25 6.71 -12.57
N LYS B 149 18.01 7.79 -12.37
CA LYS B 149 17.48 8.98 -11.73
C LYS B 149 16.49 9.69 -12.63
N ARG B 150 15.56 10.36 -11.98
CA ARG B 150 14.56 11.17 -12.65
C ARG B 150 15.23 12.36 -13.34
N PRO B 151 14.61 12.88 -14.40
CA PRO B 151 15.20 14.00 -15.13
C PRO B 151 15.23 15.24 -14.25
N ARG B 152 16.34 15.97 -14.27
CA ARG B 152 16.46 17.19 -13.50
C ARG B 152 15.71 18.29 -14.26
N SER B 153 15.02 19.15 -13.51
CA SER B 153 14.32 20.29 -14.08
C SER B 153 15.27 21.44 -14.35
N ALA B 154 14.80 22.44 -15.11
CA ALA B 154 15.61 23.61 -15.41
C ALA B 154 16.05 24.26 -14.10
N TYR B 155 15.13 24.33 -13.16
CA TYR B 155 15.43 24.86 -11.84
C TYR B 155 16.41 23.96 -11.08
N ASN B 156 16.35 22.66 -11.32
CA ASN B 156 17.31 21.73 -10.72
C ASN B 156 18.75 21.95 -11.19
N VAL B 157 18.91 22.25 -12.47
CA VAL B 157 20.22 22.51 -13.05
C VAL B 157 20.78 23.80 -12.48
N TYR B 158 19.89 24.79 -12.41
CA TYR B 158 20.22 26.12 -11.95
C TYR B 158 20.78 26.09 -10.54
N VAL B 159 20.15 25.30 -9.67
CA VAL B 159 20.61 25.17 -8.30
C VAL B 159 22.00 24.56 -8.27
N ALA B 160 22.18 23.49 -9.03
CA ALA B 160 23.43 22.75 -9.05
C ALA B 160 24.64 23.57 -9.47
N GLU B 161 24.45 24.42 -10.47
CA GLU B 161 25.52 25.28 -10.93
C GLU B 161 25.79 26.42 -9.97
N ARG B 162 24.78 27.23 -9.72
CA ARG B 162 24.91 28.36 -8.82
C ARG B 162 24.51 27.99 -7.41
N PHE B 163 25.46 27.51 -6.62
CA PHE B 163 25.20 27.24 -5.20
C PHE B 163 26.36 27.49 -4.26
N GLN B 164 27.53 26.96 -4.59
CA GLN B 164 28.74 27.27 -3.83
C GLN B 164 28.85 28.78 -3.84
N GLU B 165 28.45 29.37 -4.96
CA GLU B 165 28.44 30.80 -5.13
C GLU B 165 27.03 31.36 -4.92
N ALA B 166 26.66 31.53 -3.65
CA ALA B 166 25.37 32.07 -3.26
C ALA B 166 25.55 32.82 -1.95
N LYS B 167 24.92 33.98 -1.79
CA LYS B 167 25.12 34.73 -0.55
C LYS B 167 24.57 34.00 0.66
N GLY B 168 25.44 33.23 1.32
CA GLY B 168 25.05 32.50 2.51
C GLY B 168 26.05 31.50 3.03
N ASP B 169 25.93 31.21 4.33
CA ASP B 169 26.78 30.27 5.04
C ASP B 169 26.04 28.95 5.28
N SER B 170 24.86 29.06 5.87
CA SER B 170 24.03 27.88 6.06
C SER B 170 23.38 27.61 4.71
N PRO B 171 23.25 26.32 4.35
CA PRO B 171 22.65 25.90 3.07
C PRO B 171 21.27 26.47 2.91
N GLN B 172 20.56 26.62 4.03
CA GLN B 172 19.22 27.20 4.02
C GLN B 172 19.22 28.64 3.48
N GLU B 173 20.24 29.41 3.82
CA GLU B 173 20.31 30.80 3.36
C GLU B 173 20.78 30.85 1.92
N LYS B 174 21.75 30.00 1.59
CA LYS B 174 22.30 29.95 0.25
C LYS B 174 21.20 29.63 -0.76
N LEU B 175 20.35 28.66 -0.42
CA LEU B 175 19.26 28.26 -1.31
C LEU B 175 18.18 29.32 -1.45
N LYS B 176 17.83 30.00 -0.34
CA LYS B 176 16.77 30.99 -0.36
C LYS B 176 17.12 32.10 -1.33
N THR B 177 18.41 32.42 -1.43
CA THR B 177 18.84 33.50 -2.31
C THR B 177 18.95 32.96 -3.74
N VAL B 178 19.15 31.65 -3.88
CA VAL B 178 19.19 31.04 -5.20
C VAL B 178 17.81 31.14 -5.83
N LYS B 179 16.77 30.91 -5.02
CA LYS B 179 15.41 30.93 -5.53
C LYS B 179 14.98 32.37 -5.84
N GLU B 180 15.63 33.34 -5.17
CA GLU B 180 15.40 34.74 -5.46
C GLU B 180 15.81 35.06 -6.88
N ASN B 181 17.05 34.71 -7.21
CA ASN B 181 17.58 34.93 -8.55
C ASN B 181 16.77 34.21 -9.62
N TRP B 182 16.27 33.03 -9.29
CA TRP B 182 15.48 32.26 -10.24
C TRP B 182 14.14 32.91 -10.56
N LYS B 183 13.58 33.63 -9.59
CA LYS B 183 12.30 34.27 -9.83
C LYS B 183 12.47 35.51 -10.70
N ASN B 184 13.66 36.09 -10.70
CA ASN B 184 13.95 37.31 -11.45
C ASN B 184 14.61 37.09 -12.81
N LEU B 185 14.83 35.84 -13.21
CA LEU B 185 15.44 35.61 -14.52
C LEU B 185 14.38 35.72 -15.62
N SER B 186 14.74 36.41 -16.69
CA SER B 186 13.87 36.53 -17.85
C SER B 186 13.85 35.24 -18.65
N ASP B 187 12.97 35.16 -19.63
CA ASP B 187 12.89 33.98 -20.47
C ASP B 187 14.15 33.81 -21.30
N SER B 188 14.77 34.91 -21.71
CA SER B 188 15.97 34.77 -22.50
C SER B 188 17.10 34.19 -21.66
N GLU B 189 17.14 34.52 -20.37
CA GLU B 189 18.17 33.92 -19.52
C GLU B 189 17.85 32.49 -19.06
N LYS B 190 16.58 32.12 -18.96
CA LYS B 190 16.29 30.75 -18.51
C LYS B 190 16.57 29.74 -19.61
N GLU B 191 16.61 30.23 -20.84
CA GLU B 191 16.75 29.37 -22.02
C GLU B 191 17.84 28.34 -21.80
N LEU B 192 18.93 28.79 -21.19
CA LEU B 192 20.09 27.93 -20.95
C LEU B 192 19.75 26.72 -20.08
N TYR B 193 18.98 26.96 -19.02
CA TYR B 193 18.61 25.90 -18.10
C TYR B 193 17.46 25.09 -18.68
N ILE B 194 16.62 25.75 -19.47
CA ILE B 194 15.50 25.06 -20.09
C ILE B 194 15.98 23.97 -21.08
N GLN B 195 17.02 24.27 -21.84
CA GLN B 195 17.56 23.30 -22.79
C GLN B 195 18.55 22.33 -22.14
N HIS B 196 19.07 22.69 -20.96
CA HIS B 196 19.91 21.76 -20.23
C HIS B 196 19.03 20.71 -19.57
N ALA B 197 17.77 21.05 -19.34
CA ALA B 197 16.82 20.13 -18.74
C ALA B 197 16.20 19.27 -19.85
N LYS B 198 16.06 19.88 -21.02
CA LYS B 198 15.57 19.23 -22.23
C LYS B 198 16.51 18.10 -22.63
N GLU B 199 17.79 18.29 -22.34
CA GLU B 199 18.82 17.31 -22.64
C GLU B 199 18.70 16.15 -21.66
N ASP B 200 18.58 16.46 -20.38
CA ASP B 200 18.49 15.45 -19.34
C ASP B 200 17.22 14.61 -19.49
N GLU B 201 16.17 15.24 -20.01
CA GLU B 201 14.91 14.57 -20.30
C GLU B 201 15.17 13.46 -21.31
N THR B 202 16.04 13.74 -22.27
CA THR B 202 16.39 12.75 -23.27
C THR B 202 17.21 11.61 -22.67
N ARG B 203 18.15 11.93 -21.79
CA ARG B 203 18.92 10.87 -21.13
C ARG B 203 18.02 9.94 -20.33
N TYR B 204 16.99 10.52 -19.73
CA TYR B 204 16.06 9.73 -18.91
C TYR B 204 15.32 8.73 -19.78
N HIS B 205 14.82 9.19 -20.93
CA HIS B 205 14.16 8.28 -21.87
C HIS B 205 15.08 7.12 -22.26
N ASN B 206 16.34 7.42 -22.53
CA ASN B 206 17.27 6.40 -22.99
C ASN B 206 17.52 5.40 -21.87
N GLU B 207 17.92 5.90 -20.71
CA GLU B 207 18.26 5.03 -19.59
C GLU B 207 17.06 4.21 -19.08
N MET B 208 15.86 4.80 -19.13
CA MET B 208 14.65 4.07 -18.73
C MET B 208 14.24 2.94 -19.66
N LYS B 209 14.27 3.21 -20.97
CA LYS B 209 13.91 2.21 -21.96
C LYS B 209 14.78 0.98 -21.82
N SER B 210 16.07 1.22 -21.60
CA SER B 210 17.05 0.16 -21.39
C SER B 210 16.74 -0.56 -20.11
N TRP B 211 16.58 0.19 -19.04
CA TRP B 211 16.35 -0.39 -17.72
C TRP B 211 15.05 -1.21 -17.66
N GLU B 212 13.99 -0.75 -18.32
CA GLU B 212 12.72 -1.48 -18.28
C GLU B 212 12.80 -2.80 -19.04
N GLU B 213 13.49 -2.80 -20.19
CA GLU B 213 13.77 -4.05 -20.89
C GLU B 213 14.53 -5.00 -19.98
N GLN B 214 15.55 -4.49 -19.30
CA GLN B 214 16.34 -5.33 -18.41
C GLN B 214 15.49 -5.88 -17.27
N MET B 215 14.47 -5.14 -16.88
CA MET B 215 13.59 -5.59 -15.80
C MET B 215 12.61 -6.68 -16.25
N ILE B 216 12.20 -6.65 -17.52
CA ILE B 216 11.37 -7.73 -18.06
C ILE B 216 12.16 -9.03 -18.13
N GLU B 217 13.45 -8.91 -18.43
CA GLU B 217 14.34 -10.06 -18.53
C GLU B 217 14.56 -10.77 -17.19
N VAL B 218 14.71 -10.00 -16.11
CA VAL B 218 14.90 -10.65 -14.81
C VAL B 218 13.55 -10.88 -14.12
N GLY B 219 12.47 -10.83 -14.90
CA GLY B 219 11.13 -11.19 -14.44
C GLY B 219 10.45 -10.24 -13.49
N ARG B 220 10.48 -8.95 -13.81
CA ARG B 220 9.82 -7.95 -12.97
C ARG B 220 8.99 -6.99 -13.81
N LYS B 221 7.98 -7.50 -14.52
CA LYS B 221 7.16 -6.61 -15.34
C LYS B 221 6.35 -5.65 -14.47
N ASP B 222 6.31 -5.91 -13.16
CA ASP B 222 5.56 -5.08 -12.23
C ASP B 222 6.19 -3.70 -12.00
N LEU B 223 7.48 -3.57 -12.28
CA LEU B 223 8.19 -2.31 -12.05
C LEU B 223 8.09 -1.37 -13.23
N LEU B 224 7.39 -1.81 -14.28
CA LEU B 224 7.21 -1.01 -15.47
C LEU B 224 6.15 0.06 -15.28
N ARG B 225 6.28 1.14 -16.04
CA ARG B 225 5.29 2.20 -16.03
C ARG B 225 4.06 1.76 -16.82
N ARG B 226 2.93 2.36 -16.50
CA ARG B 226 1.71 2.16 -17.26
C ARG B 226 1.66 3.21 -18.39
N THR B 227 2.09 4.43 -18.09
CA THR B 227 2.06 5.55 -19.05
C THR B 227 3.43 6.11 -19.42
N ILE B 228 3.54 6.64 -20.64
CA ILE B 228 4.78 7.20 -21.22
C ILE B 228 6.08 6.70 -20.60
#